data_5TP9
#
_entry.id   5TP9
#
_cell.length_a   56.260
_cell.length_b   89.780
_cell.length_c   120.860
_cell.angle_alpha   90.00
_cell.angle_beta   90.00
_cell.angle_gamma   90.00
#
_symmetry.space_group_name_H-M   'P 21 21 21'
#
loop_
_entity.id
_entity.type
_entity.pdbx_description
1 polymer 'Glutamate receptor ionotropic, NMDA 2A'
2 polymer 'Glutamate receptor ionotropic, NMDA 1'
3 non-polymer 'ACETATE ION'
4 non-polymer 'GLUTAMIC ACID'
5 non-polymer 7-{[5-chloro-3-(trifluoromethyl)-1H-pyrazol-1-yl]methyl}-N-ethyl-2-methyl-5-oxo-5H-[1,3]thiazolo[3,2-a]pyrimidine-3-carboxamide
6 non-polymer 'CALCIUM ION'
7 non-polymer GLYCINE
8 water water
#
loop_
_entity_poly.entity_id
_entity_poly.type
_entity_poly.pdbx_seq_one_letter_code
_entity_poly.pdbx_strand_id
1 'polypeptide(L)'
;GSPDDNHLSIVTLEEAPFVIVEDIDPLTETCVRNTVPCRKFVKINNSTNEGMNVKKCCKGFCIDILKKLSRTVKFTYDLY
LVTNGKHGKKVNNVWNGMIGEVVYQRAVMAVGSLTINEERSEVVDFSVPFVETGISVMVSRGTQVTGLSDKKFQRPHDYS
PPFRFGTVPNGSTERNIRNNYPYMHQYMTKFNQKGVEDALVSLKTGKLDAFIYDAAVLNYKAGRDEGCKLVTIGSGYIFA
TTGYGIALQKGSPWKRQIDLALLQFVGDGEMEELETLWLTGICHN
;
A
2 'polypeptide(L)'
;GSMSTRLKIVTIHQEPFVYVKPTLSDGTCKEEFTVNGDPVKKVICTGPNDTSPGSPRHTVPQCCYGFCIDLLIKLARTMN
FTYEVHLVADGKFGTQERVNNSNKKEWNGMMGELLSGQADMIVAPLTINNERAQYIEFSKPFKYQGLTILVKKGTRITGI
NDPRLRNPSDKFIYATVKQSSVDIYFRRQVELSTMYRHMEKHNYESAAEAIQAVRDNKLHAFIWDSAVLEFEASQKCDLV
TTGELFFRSGFGIGMRKDSPWKQNVSLSILKSHENGFMEDLDKTWVRYQECDS
;
B
#
# COMPACT_ATOMS: atom_id res chain seq x y z
N ASN A 6 -10.10 -22.46 17.62
CA ASN A 6 -10.56 -22.48 16.23
C ASN A 6 -11.90 -21.73 15.96
N HIS A 7 -12.70 -21.50 17.02
CA HIS A 7 -13.97 -20.77 16.99
C HIS A 7 -13.67 -19.43 17.61
N LEU A 8 -13.57 -18.40 16.78
CA LEU A 8 -13.07 -17.07 17.13
C LEU A 8 -14.12 -16.00 17.36
N SER A 9 -13.89 -15.18 18.41
CA SER A 9 -14.73 -14.01 18.69
C SER A 9 -14.20 -12.90 17.77
N ILE A 10 -15.06 -12.41 16.88
CA ILE A 10 -14.71 -11.38 15.89
C ILE A 10 -15.60 -10.14 16.06
N VAL A 11 -14.98 -8.95 16.09
CA VAL A 11 -15.69 -7.68 16.23
C VAL A 11 -15.76 -6.92 14.89
N THR A 12 -16.88 -6.27 14.66
CA THR A 12 -17.05 -5.48 13.46
C THR A 12 -17.79 -4.19 13.83
N LEU A 13 -17.96 -3.31 12.84
CA LEU A 13 -18.63 -2.02 12.97
C LEU A 13 -19.23 -1.71 11.61
N GLU A 14 -20.49 -1.27 11.59
CA GLU A 14 -21.18 -0.90 10.35
C GLU A 14 -20.59 0.36 9.71
N GLU A 15 -20.37 0.33 8.41
CA GLU A 15 -19.90 1.42 7.58
C GLU A 15 -20.00 0.92 6.16
N ALA A 16 -21.10 1.26 5.47
CA ALA A 16 -21.34 0.89 4.07
C ALA A 16 -20.22 1.40 3.14
N PRO A 17 -19.81 0.63 2.09
CA PRO A 17 -20.25 -0.72 1.70
C PRO A 17 -19.38 -1.84 2.32
N PHE A 18 -18.50 -1.48 3.26
CA PHE A 18 -17.56 -2.41 3.88
C PHE A 18 -18.25 -3.34 4.81
N VAL A 19 -19.14 -2.80 5.67
CA VAL A 19 -19.97 -3.59 6.59
C VAL A 19 -21.38 -2.96 6.57
N ILE A 20 -22.37 -3.75 6.19
CA ILE A 20 -23.78 -3.34 6.09
C ILE A 20 -24.55 -4.26 7.03
N VAL A 21 -25.38 -3.68 7.90
CA VAL A 21 -26.14 -4.41 8.92
C VAL A 21 -27.64 -4.36 8.58
N GLU A 22 -28.30 -5.53 8.63
CA GLU A 22 -29.72 -5.65 8.33
C GLU A 22 -30.41 -6.41 9.42
N ASP A 23 -31.75 -6.24 9.50
CA ASP A 23 -32.58 -6.97 10.44
C ASP A 23 -32.78 -8.37 9.92
N ILE A 24 -32.95 -9.32 10.83
CA ILE A 24 -33.11 -10.74 10.54
C ILE A 24 -34.46 -11.01 9.86
N ASP A 25 -34.53 -12.06 9.01
CA ASP A 25 -35.74 -12.45 8.27
C ASP A 25 -36.81 -13.00 9.20
N GLU A 29 -36.72 -16.52 9.99
CA GLU A 29 -36.20 -16.63 11.35
C GLU A 29 -34.68 -16.36 11.48
N THR A 30 -33.90 -16.68 10.40
CA THR A 30 -32.44 -16.58 10.33
C THR A 30 -31.90 -15.64 9.22
N CYS A 31 -30.59 -15.74 8.94
CA CYS A 31 -29.91 -14.91 7.95
C CYS A 31 -29.82 -15.57 6.58
N VAL A 32 -30.43 -14.93 5.58
CA VAL A 32 -30.48 -15.40 4.18
C VAL A 32 -29.37 -14.80 3.28
N ARG A 33 -29.28 -15.27 2.01
CA ARG A 33 -28.37 -14.78 0.95
C ARG A 33 -26.86 -14.82 1.33
N ASN A 34 -26.13 -13.72 1.03
CA ASN A 34 -24.69 -13.58 1.31
C ASN A 34 -24.47 -12.95 2.70
N THR A 35 -25.50 -12.97 3.56
CA THR A 35 -25.41 -12.39 4.89
C THR A 35 -24.94 -13.40 5.90
N VAL A 36 -24.24 -12.92 6.93
CA VAL A 36 -23.76 -13.75 8.02
C VAL A 36 -24.37 -13.25 9.33
N PRO A 37 -24.66 -14.11 10.31
CA PRO A 37 -25.25 -13.60 11.56
C PRO A 37 -24.29 -12.70 12.34
N CYS A 38 -24.79 -11.60 12.91
CA CYS A 38 -24.00 -10.69 13.75
C CYS A 38 -24.87 -10.17 14.86
N ARG A 39 -24.41 -10.33 16.07
CA ARG A 39 -25.15 -9.88 17.22
C ARG A 39 -24.77 -8.48 17.68
N LYS A 40 -25.72 -7.80 18.32
CA LYS A 40 -25.54 -6.46 18.85
C LYS A 40 -26.09 -6.41 20.26
N PHE A 41 -25.26 -6.04 21.21
CA PHE A 41 -25.70 -5.91 22.60
C PHE A 41 -26.48 -4.59 22.74
N VAL A 42 -27.78 -4.68 23.02
CA VAL A 42 -28.69 -3.55 23.14
C VAL A 42 -29.23 -3.46 24.58
N LYS A 43 -28.96 -2.33 25.24
CA LYS A 43 -29.38 -2.02 26.59
C LYS A 43 -30.91 -1.89 26.77
N ILE A 44 -31.40 -2.38 27.91
CA ILE A 44 -32.81 -2.35 28.31
C ILE A 44 -33.22 -0.87 28.55
N ASN A 45 -32.33 -0.12 29.20
CA ASN A 45 -32.46 1.31 29.45
C ASN A 45 -31.09 1.94 29.67
N ASN A 46 -31.02 3.28 29.70
CA ASN A 46 -29.74 4.01 29.87
C ASN A 46 -29.39 4.29 31.32
N SER A 47 -30.04 3.57 32.24
CA SER A 47 -29.79 3.68 33.68
C SER A 47 -29.41 2.32 34.26
N THR A 48 -29.02 1.37 33.38
CA THR A 48 -28.65 0.00 33.72
C THR A 48 -27.58 -0.57 32.77
N ASN A 49 -26.94 -1.67 33.16
CA ASN A 49 -25.95 -2.38 32.35
C ASN A 49 -26.64 -3.56 31.67
N GLU A 50 -27.84 -3.91 32.15
CA GLU A 50 -28.65 -4.99 31.59
C GLU A 50 -29.00 -4.70 30.13
N GLY A 51 -28.90 -5.72 29.32
CA GLY A 51 -29.23 -5.63 27.91
C GLY A 51 -29.33 -7.00 27.30
N MET A 52 -29.59 -7.04 26.01
CA MET A 52 -29.68 -8.27 25.28
C MET A 52 -29.02 -8.22 23.96
N ASN A 53 -28.51 -9.36 23.52
CA ASN A 53 -27.91 -9.49 22.21
C ASN A 53 -29.04 -9.68 21.22
N VAL A 54 -29.15 -8.75 20.28
CA VAL A 54 -30.10 -8.76 19.19
C VAL A 54 -29.41 -9.47 18.00
N LYS A 55 -30.08 -10.45 17.39
CA LYS A 55 -29.60 -11.17 16.23
C LYS A 55 -29.82 -10.29 15.00
N LYS A 56 -28.74 -9.98 14.28
CA LYS A 56 -28.79 -9.16 13.07
C LYS A 56 -28.06 -9.91 11.94
N CYS A 57 -28.10 -9.38 10.73
CA CYS A 57 -27.42 -9.97 9.58
C CYS A 57 -26.45 -8.98 9.05
N CYS A 58 -25.23 -9.44 8.73
CA CYS A 58 -24.12 -8.64 8.22
C CYS A 58 -23.71 -9.05 6.81
N LYS A 59 -23.40 -8.06 5.96
CA LYS A 59 -22.89 -8.25 4.60
C LYS A 59 -21.96 -7.09 4.23
N GLY A 60 -21.28 -7.20 3.08
CA GLY A 60 -20.41 -6.13 2.61
C GLY A 60 -19.08 -6.67 2.17
N PHE A 61 -18.27 -5.77 1.58
CA PHE A 61 -16.93 -6.04 1.10
C PHE A 61 -16.10 -6.78 2.16
N CYS A 62 -16.02 -6.21 3.39
CA CYS A 62 -15.25 -6.80 4.51
C CYS A 62 -15.84 -8.10 5.04
N ILE A 63 -17.15 -8.27 4.94
CA ILE A 63 -17.82 -9.50 5.37
C ILE A 63 -17.49 -10.62 4.37
N ASP A 64 -17.38 -10.28 3.06
CA ASP A 64 -16.99 -11.24 2.02
C ASP A 64 -15.55 -11.65 2.18
N ILE A 65 -14.67 -10.72 2.60
CA ILE A 65 -13.27 -11.02 2.89
C ILE A 65 -13.16 -11.97 4.09
N LEU A 66 -14.01 -11.77 5.10
CA LEU A 66 -14.03 -12.59 6.30
C LEU A 66 -14.53 -14.01 5.98
N LYS A 67 -15.52 -14.12 5.07
CA LYS A 67 -16.07 -15.40 4.61
C LYS A 67 -14.98 -16.19 3.88
N LYS A 68 -14.19 -15.51 3.00
CA LYS A 68 -13.09 -16.13 2.26
C LYS A 68 -11.96 -16.59 3.20
N LEU A 69 -11.65 -15.78 4.24
CA LEU A 69 -10.61 -16.09 5.22
C LEU A 69 -10.97 -17.27 6.07
N SER A 70 -12.21 -17.32 6.54
CA SER A 70 -12.77 -18.40 7.35
C SER A 70 -12.67 -19.74 6.58
N ARG A 71 -12.93 -19.72 5.27
CA ARG A 71 -12.84 -20.88 4.41
C ARG A 71 -11.34 -21.25 4.15
N THR A 72 -10.51 -20.26 3.78
CA THR A 72 -9.09 -20.48 3.44
C THR A 72 -8.22 -20.85 4.64
N VAL A 73 -8.24 -20.04 5.72
CA VAL A 73 -7.47 -20.16 6.96
C VAL A 73 -8.11 -21.22 7.90
N LYS A 74 -9.35 -21.62 7.61
CA LYS A 74 -10.09 -22.67 8.33
C LYS A 74 -10.38 -22.34 9.81
N PHE A 75 -11.28 -21.40 10.02
CA PHE A 75 -11.76 -21.05 11.35
C PHE A 75 -13.25 -20.77 11.28
N THR A 76 -13.92 -20.91 12.42
CA THR A 76 -15.33 -20.54 12.55
C THR A 76 -15.31 -19.32 13.46
N TYR A 77 -16.40 -18.53 13.46
CA TYR A 77 -16.42 -17.30 14.24
C TYR A 77 -17.80 -16.92 14.79
N ASP A 78 -17.79 -16.10 15.87
CA ASP A 78 -18.97 -15.47 16.47
C ASP A 78 -18.76 -13.96 16.21
N LEU A 79 -19.48 -13.44 15.24
CA LEU A 79 -19.36 -12.05 14.84
C LEU A 79 -20.28 -11.11 15.67
N TYR A 80 -19.72 -10.03 16.24
CA TYR A 80 -20.50 -9.06 16.98
C TYR A 80 -20.14 -7.66 16.61
N LEU A 81 -21.12 -6.76 16.74
CA LEU A 81 -20.95 -5.34 16.48
C LEU A 81 -20.47 -4.65 17.74
N VAL A 82 -19.46 -3.76 17.63
CA VAL A 82 -18.93 -2.99 18.76
C VAL A 82 -19.98 -1.99 19.33
N THR A 83 -20.02 -1.82 20.64
CA THR A 83 -20.96 -0.89 21.24
C THR A 83 -20.24 0.21 22.04
N ASN A 84 -18.98 -0.03 22.45
CA ASN A 84 -18.20 0.96 23.21
C ASN A 84 -17.26 1.69 22.27
N GLY A 85 -17.81 2.71 21.63
CA GLY A 85 -17.06 3.47 20.64
C GLY A 85 -17.24 2.95 19.23
N LYS A 86 -16.37 3.39 18.34
CA LYS A 86 -16.45 3.04 16.94
C LYS A 86 -15.17 2.32 16.51
N HIS A 87 -14.36 2.91 15.62
CA HIS A 87 -13.14 2.28 15.10
C HIS A 87 -12.05 2.04 16.18
N GLY A 88 -11.70 3.10 16.90
CA GLY A 88 -10.74 3.01 17.98
C GLY A 88 -10.18 4.37 18.34
N LYS A 89 -10.23 4.69 19.63
CA LYS A 89 -9.71 5.93 20.18
C LYS A 89 -9.06 5.65 21.52
N LYS A 90 -7.86 6.22 21.74
CA LYS A 90 -7.09 6.07 22.98
C LYS A 90 -7.46 7.24 23.90
N VAL A 91 -8.13 6.96 24.99
CA VAL A 91 -8.56 7.99 25.94
C VAL A 91 -7.82 7.79 27.29
N ASN A 92 -6.84 8.67 27.59
CA ASN A 92 -5.98 8.60 28.80
C ASN A 92 -5.33 7.23 28.85
N ASN A 93 -4.74 6.83 27.71
CA ASN A 93 -4.09 5.54 27.48
C ASN A 93 -5.05 4.33 27.51
N VAL A 94 -6.38 4.57 27.47
CA VAL A 94 -7.37 3.49 27.44
C VAL A 94 -8.11 3.50 26.08
N TRP A 95 -7.87 2.46 25.28
CA TRP A 95 -8.49 2.29 23.96
C TRP A 95 -9.94 1.85 24.01
N ASN A 96 -10.79 2.48 23.20
CA ASN A 96 -12.18 2.03 23.03
C ASN A 96 -12.30 1.50 21.55
N GLY A 97 -13.53 1.34 21.08
CA GLY A 97 -13.81 0.89 19.72
C GLY A 97 -13.39 -0.53 19.41
N MET A 98 -13.28 -0.86 18.10
CA MET A 98 -12.85 -2.18 17.66
C MET A 98 -11.42 -2.50 18.13
N ILE A 99 -10.52 -1.45 18.20
CA ILE A 99 -9.14 -1.58 18.70
C ILE A 99 -9.12 -2.04 20.17
N GLY A 100 -9.95 -1.44 21.02
CA GLY A 100 -10.07 -1.79 22.42
C GLY A 100 -10.52 -3.21 22.68
N GLU A 101 -11.48 -3.68 21.87
CA GLU A 101 -12.00 -5.05 21.97
C GLU A 101 -10.91 -6.07 21.71
N VAL A 102 -9.94 -5.76 20.85
CA VAL A 102 -8.83 -6.66 20.52
C VAL A 102 -7.77 -6.55 21.63
N VAL A 103 -7.41 -5.29 22.02
CA VAL A 103 -6.45 -4.96 23.08
C VAL A 103 -6.83 -5.65 24.38
N TYR A 104 -8.10 -5.48 24.84
CA TYR A 104 -8.61 -6.09 26.09
C TYR A 104 -9.14 -7.53 25.87
N GLN A 105 -8.76 -8.14 24.74
CA GLN A 105 -8.98 -9.53 24.36
C GLN A 105 -10.43 -10.01 24.42
N ARG A 106 -11.38 -9.15 24.07
CA ARG A 106 -12.80 -9.53 23.96
C ARG A 106 -13.02 -10.06 22.51
N ALA A 107 -12.08 -9.76 21.61
CA ALA A 107 -12.11 -10.23 20.22
C ALA A 107 -10.73 -10.68 19.78
N VAL A 108 -10.68 -11.75 19.01
CA VAL A 108 -9.45 -12.30 18.44
C VAL A 108 -9.05 -11.42 17.24
N MET A 109 -10.05 -10.87 16.56
CA MET A 109 -9.79 -9.97 15.45
C MET A 109 -10.93 -8.98 15.23
N ALA A 110 -10.61 -7.85 14.58
CA ALA A 110 -11.51 -6.77 14.22
C ALA A 110 -11.50 -6.69 12.70
N VAL A 111 -12.68 -6.75 12.10
CA VAL A 111 -12.85 -6.68 10.63
C VAL A 111 -13.79 -5.53 10.30
N GLY A 112 -13.38 -4.68 9.38
CA GLY A 112 -14.17 -3.55 8.94
C GLY A 112 -13.35 -2.53 8.20
N SER A 113 -13.84 -1.29 8.20
CA SER A 113 -13.16 -0.16 7.55
C SER A 113 -12.19 0.41 8.61
N LEU A 114 -11.27 -0.45 9.08
CA LEU A 114 -10.30 -0.14 10.13
C LEU A 114 -8.95 0.28 9.58
N THR A 115 -8.64 1.55 9.71
CA THR A 115 -7.42 2.16 9.21
C THR A 115 -6.16 1.74 9.99
N ILE A 116 -5.12 1.30 9.25
CA ILE A 116 -3.82 0.98 9.81
C ILE A 116 -3.19 2.34 10.10
N ASN A 117 -2.62 2.52 11.27
CA ASN A 117 -1.86 3.72 11.63
C ASN A 117 -0.84 3.34 12.68
N GLU A 118 0.14 4.22 12.91
CA GLU A 118 1.22 3.91 13.83
C GLU A 118 0.78 3.68 15.29
N GLU A 119 -0.02 4.55 15.91
CA GLU A 119 -0.39 4.35 17.32
C GLU A 119 -1.25 3.10 17.58
N ARG A 120 -2.12 2.70 16.62
CA ARG A 120 -2.90 1.46 16.78
C ARG A 120 -1.96 0.26 16.62
N SER A 121 -0.92 0.39 15.76
CA SER A 121 0.09 -0.66 15.54
C SER A 121 0.97 -0.98 16.76
N GLU A 122 1.01 -0.07 17.73
CA GLU A 122 1.78 -0.27 18.96
C GLU A 122 1.08 -1.22 19.88
N VAL A 123 -0.27 -1.33 19.76
CA VAL A 123 -1.09 -2.12 20.66
C VAL A 123 -1.74 -3.34 20.02
N VAL A 124 -1.83 -3.40 18.68
CA VAL A 124 -2.43 -4.53 17.96
C VAL A 124 -1.56 -4.90 16.77
N ASP A 125 -1.71 -6.12 16.29
CA ASP A 125 -1.05 -6.58 15.09
C ASP A 125 -2.00 -6.34 13.95
N PHE A 126 -1.51 -5.81 12.86
CA PHE A 126 -2.38 -5.60 11.71
C PHE A 126 -1.96 -6.54 10.58
N SER A 127 -2.96 -7.02 9.83
CA SER A 127 -2.76 -7.84 8.63
C SER A 127 -2.14 -6.91 7.57
N VAL A 128 -1.75 -7.46 6.40
CA VAL A 128 -1.32 -6.66 5.28
C VAL A 128 -2.55 -5.75 4.91
N PRO A 129 -2.37 -4.52 4.40
CA PRO A 129 -3.57 -3.73 4.00
C PRO A 129 -4.32 -4.42 2.84
N PHE A 130 -5.67 -4.38 2.82
CA PHE A 130 -6.42 -5.02 1.73
C PHE A 130 -7.33 -4.05 0.97
N VAL A 131 -7.43 -2.79 1.45
CA VAL A 131 -8.18 -1.70 0.79
C VAL A 131 -7.29 -0.47 0.89
N GLU A 132 -7.11 0.26 -0.22
CA GLU A 132 -6.31 1.48 -0.21
C GLU A 132 -7.16 2.65 0.36
N THR A 133 -6.60 3.35 1.37
CA THR A 133 -7.29 4.50 1.93
C THR A 133 -6.30 5.63 2.27
N GLY A 134 -6.80 6.58 3.02
CA GLY A 134 -6.09 7.74 3.51
C GLY A 134 -7.11 8.81 3.81
N ILE A 135 -6.74 10.05 3.58
CA ILE A 135 -7.61 11.19 3.82
C ILE A 135 -7.94 11.83 2.51
N SER A 136 -9.22 12.02 2.25
CA SER A 136 -9.73 12.73 1.09
C SER A 136 -10.58 13.91 1.56
N VAL A 137 -10.82 14.84 0.65
CA VAL A 137 -11.58 16.07 0.90
C VAL A 137 -12.75 16.06 -0.07
N MET A 138 -13.97 16.06 0.46
CA MET A 138 -15.15 16.10 -0.37
C MET A 138 -15.72 17.51 -0.37
N VAL A 139 -16.11 17.97 -1.56
CA VAL A 139 -16.68 19.32 -1.82
C VAL A 139 -17.82 19.19 -2.85
N SER A 140 -18.63 20.24 -3.00
CA SER A 140 -19.62 20.30 -4.08
C SER A 140 -18.76 20.70 -5.29
N ARG A 141 -19.01 20.08 -6.47
CA ARG A 141 -18.33 20.35 -7.74
C ARG A 141 -18.12 21.87 -7.95
N GLY A 142 -16.88 22.26 -8.23
CA GLY A 142 -16.53 23.66 -8.43
C GLY A 142 -15.91 24.39 -7.25
N THR A 143 -15.69 23.70 -6.11
CA THR A 143 -15.06 24.38 -4.97
C THR A 143 -13.55 24.37 -5.22
N GLN A 144 -12.94 25.57 -5.23
CA GLN A 144 -11.52 25.76 -5.51
C GLN A 144 -10.66 25.50 -4.29
N VAL A 145 -10.14 24.27 -4.22
CA VAL A 145 -9.29 23.85 -3.12
C VAL A 145 -8.30 22.82 -3.69
N THR A 146 -7.01 23.04 -3.43
CA THR A 146 -5.91 22.20 -3.95
C THR A 146 -5.86 20.86 -3.27
N GLY A 147 -5.89 20.87 -1.94
CA GLY A 147 -5.84 19.72 -1.06
C GLY A 147 -5.80 20.19 0.38
N LEU A 148 -5.36 19.31 1.33
CA LEU A 148 -5.22 19.67 2.75
C LEU A 148 -4.19 20.76 2.97
N SER A 149 -3.24 20.90 2.02
CA SER A 149 -2.16 21.88 2.06
C SER A 149 -2.63 23.27 1.71
N ASP A 150 -3.88 23.41 1.19
CA ASP A 150 -4.45 24.69 0.79
C ASP A 150 -4.54 25.66 1.97
N LYS A 151 -4.20 26.92 1.73
CA LYS A 151 -4.25 27.98 2.74
C LYS A 151 -5.68 28.20 3.28
N LYS A 152 -6.71 27.71 2.55
CA LYS A 152 -8.09 27.77 3.02
C LYS A 152 -8.22 26.86 4.24
N PHE A 153 -7.48 25.75 4.28
CA PHE A 153 -7.50 24.82 5.41
C PHE A 153 -6.44 25.16 6.47
N GLN A 154 -5.21 25.42 6.02
CA GLN A 154 -4.03 25.68 6.85
C GLN A 154 -4.16 26.91 7.74
N ARG A 155 -4.64 28.02 7.16
CA ARG A 155 -4.81 29.34 7.79
C ARG A 155 -6.23 29.79 7.45
N PRO A 156 -7.30 29.18 8.03
CA PRO A 156 -8.66 29.53 7.60
C PRO A 156 -9.15 30.95 7.82
N HIS A 157 -8.61 31.66 8.84
CA HIS A 157 -9.09 33.02 9.15
C HIS A 157 -8.53 34.10 8.21
N ASP A 158 -7.60 33.75 7.29
CA ASP A 158 -7.09 34.64 6.25
C ASP A 158 -8.21 34.96 5.23
N TYR A 159 -9.37 34.31 5.36
CA TYR A 159 -10.49 34.43 4.42
C TYR A 159 -11.74 34.96 5.08
N SER A 160 -12.48 35.79 4.32
CA SER A 160 -13.72 36.45 4.77
C SER A 160 -14.88 36.18 3.80
N PRO A 161 -15.86 35.34 4.20
CA PRO A 161 -15.93 34.57 5.46
C PRO A 161 -14.96 33.35 5.44
N PRO A 162 -14.57 32.78 6.60
CA PRO A 162 -13.63 31.64 6.57
C PRO A 162 -14.27 30.35 6.03
N PHE A 163 -13.44 29.50 5.42
CA PHE A 163 -13.86 28.21 4.87
C PHE A 163 -14.43 27.31 6.01
N ARG A 164 -15.66 26.77 5.85
CA ARG A 164 -16.33 25.91 6.84
C ARG A 164 -16.10 24.44 6.46
N PHE A 165 -15.26 23.75 7.22
CA PHE A 165 -14.92 22.36 6.96
C PHE A 165 -14.75 21.59 8.25
N GLY A 166 -15.13 20.32 8.22
CA GLY A 166 -15.02 19.44 9.38
C GLY A 166 -14.88 17.98 9.05
N THR A 167 -14.74 17.17 10.11
CA THR A 167 -14.61 15.72 9.98
C THR A 167 -15.55 15.05 10.98
N VAL A 168 -15.54 13.72 11.04
CA VAL A 168 -16.28 12.97 12.06
C VAL A 168 -15.15 12.69 13.06
N PRO A 169 -15.22 13.22 14.30
CA PRO A 169 -14.08 13.07 15.22
C PRO A 169 -13.84 11.66 15.73
N ASN A 170 -12.73 11.45 16.47
CA ASN A 170 -12.36 10.24 17.22
C ASN A 170 -11.81 9.08 16.42
N GLY A 171 -11.62 9.28 15.12
CA GLY A 171 -11.06 8.28 14.22
C GLY A 171 -9.66 8.63 13.75
N SER A 172 -9.14 7.85 12.78
CA SER A 172 -7.78 8.05 12.30
C SER A 172 -7.60 9.39 11.56
N THR A 173 -8.66 9.95 10.94
CA THR A 173 -8.56 11.23 10.25
C THR A 173 -8.28 12.38 11.24
N GLU A 174 -9.10 12.50 12.29
CA GLU A 174 -8.94 13.57 13.27
C GLU A 174 -7.59 13.45 13.96
N ARG A 175 -7.15 12.20 14.29
CA ARG A 175 -5.87 11.91 14.93
C ARG A 175 -4.68 12.41 14.08
N ASN A 176 -4.75 12.22 12.76
CA ASN A 176 -3.72 12.64 11.82
C ASN A 176 -3.70 14.17 11.69
N ILE A 177 -4.88 14.80 11.64
CA ILE A 177 -4.98 16.26 11.52
C ILE A 177 -4.44 16.91 12.81
N ARG A 178 -4.79 16.31 13.97
CA ARG A 178 -4.30 16.74 15.29
C ARG A 178 -2.78 16.70 15.34
N ASN A 179 -2.16 15.61 14.84
CA ASN A 179 -0.70 15.43 14.82
C ASN A 179 0.05 16.31 13.82
N ASN A 180 -0.58 16.72 12.71
CA ASN A 180 0.11 17.43 11.63
C ASN A 180 -0.21 18.88 11.45
N TYR A 181 -1.48 19.28 11.65
CA TYR A 181 -1.92 20.66 11.42
C TYR A 181 -2.64 21.15 12.67
N PRO A 182 -1.89 21.55 13.73
CA PRO A 182 -2.54 21.97 14.99
C PRO A 182 -3.51 23.14 14.83
N TYR A 183 -3.18 24.17 14.05
CA TYR A 183 -4.15 25.26 13.88
C TYR A 183 -5.46 24.81 13.27
N MET A 184 -5.36 24.08 12.11
CA MET A 184 -6.50 23.52 11.36
CA MET A 184 -6.49 23.53 11.36
C MET A 184 -7.40 22.69 12.28
N HIS A 185 -6.79 21.84 13.11
CA HIS A 185 -7.50 20.97 14.03
C HIS A 185 -8.38 21.76 15.02
N GLN A 186 -7.75 22.64 15.82
CA GLN A 186 -8.45 23.44 16.81
C GLN A 186 -9.55 24.30 16.13
N TYR A 187 -9.37 24.73 14.89
CA TYR A 187 -10.37 25.47 14.13
C TYR A 187 -11.57 24.56 13.70
N MET A 188 -11.29 23.38 13.18
CA MET A 188 -12.28 22.40 12.67
C MET A 188 -13.32 21.92 13.68
N THR A 189 -12.95 21.81 14.97
CA THR A 189 -13.79 21.18 15.98
C THR A 189 -15.22 21.77 16.03
N LYS A 190 -15.43 23.07 15.69
CA LYS A 190 -16.80 23.65 15.67
C LYS A 190 -17.65 23.06 14.54
N PHE A 191 -16.98 22.45 13.53
CA PHE A 191 -17.63 21.83 12.38
C PHE A 191 -17.68 20.30 12.49
N ASN A 192 -17.31 19.74 13.64
CA ASN A 192 -17.39 18.31 13.91
C ASN A 192 -18.77 17.77 13.52
N GLN A 193 -18.79 16.66 12.75
CA GLN A 193 -20.01 16.01 12.27
C GLN A 193 -20.31 14.73 13.09
N LYS A 194 -21.59 14.39 13.27
CA LYS A 194 -21.95 13.19 14.03
C LYS A 194 -21.62 11.92 13.27
N GLY A 195 -21.69 11.99 11.94
CA GLY A 195 -21.41 10.90 11.02
C GLY A 195 -21.39 11.36 9.58
N VAL A 196 -21.06 10.43 8.68
CA VAL A 196 -20.96 10.62 7.23
C VAL A 196 -22.28 11.11 6.62
N GLU A 197 -23.42 10.55 7.05
CA GLU A 197 -24.70 10.98 6.47
C GLU A 197 -25.03 12.43 6.80
N ASP A 198 -24.78 12.87 8.06
CA ASP A 198 -24.97 14.27 8.49
C ASP A 198 -24.03 15.20 7.76
N ALA A 199 -22.78 14.75 7.52
CA ALA A 199 -21.78 15.56 6.83
C ALA A 199 -22.19 15.84 5.37
N LEU A 200 -22.63 14.78 4.65
CA LEU A 200 -23.07 14.88 3.25
C LEU A 200 -24.28 15.80 3.09
N VAL A 201 -25.21 15.75 4.05
CA VAL A 201 -26.38 16.62 4.05
C VAL A 201 -25.94 18.09 4.27
N SER A 202 -25.00 18.34 5.21
CA SER A 202 -24.46 19.67 5.49
CA SER A 202 -24.45 19.67 5.51
C SER A 202 -23.77 20.25 4.26
N LEU A 203 -23.13 19.41 3.42
CA LEU A 203 -22.47 19.87 2.20
C LEU A 203 -23.50 20.27 1.16
N LYS A 204 -24.58 19.46 1.02
CA LYS A 204 -25.65 19.68 0.06
C LYS A 204 -26.60 20.82 0.45
N THR A 205 -26.81 21.08 1.78
CA THR A 205 -27.63 22.19 2.29
C THR A 205 -26.77 23.46 2.52
N GLY A 206 -25.63 23.55 1.82
CA GLY A 206 -24.69 24.66 1.92
C GLY A 206 -24.21 25.05 3.32
N LYS A 207 -24.44 24.19 4.35
CA LYS A 207 -24.03 24.45 5.75
C LYS A 207 -22.55 24.11 6.00
N LEU A 208 -21.90 23.43 5.03
CA LEU A 208 -20.49 23.01 5.08
C LEU A 208 -19.88 23.17 3.69
N ASP A 209 -18.63 23.63 3.62
CA ASP A 209 -17.93 23.82 2.35
C ASP A 209 -17.10 22.59 1.95
N ALA A 210 -16.50 21.91 2.94
CA ALA A 210 -15.71 20.72 2.69
C ALA A 210 -15.80 19.70 3.85
N PHE A 211 -15.77 18.41 3.50
CA PHE A 211 -15.80 17.33 4.49
C PHE A 211 -14.55 16.47 4.29
N ILE A 212 -13.71 16.42 5.31
CA ILE A 212 -12.45 15.69 5.31
C ILE A 212 -12.65 14.35 6.01
N TYR A 213 -12.33 13.25 5.31
CA TYR A 213 -12.59 11.94 5.87
C TYR A 213 -11.80 10.83 5.15
N ASP A 214 -12.00 9.59 5.60
CA ASP A 214 -11.46 8.35 5.07
C ASP A 214 -11.68 8.33 3.57
N ALA A 215 -10.59 8.26 2.80
CA ALA A 215 -10.57 8.25 1.33
C ALA A 215 -11.46 7.17 0.72
N ALA A 216 -11.34 5.90 1.14
CA ALA A 216 -12.20 4.82 0.59
C ALA A 216 -13.71 5.07 0.73
N VAL A 217 -14.17 5.57 1.88
CA VAL A 217 -15.60 5.87 2.10
C VAL A 217 -16.05 7.09 1.23
N LEU A 218 -15.22 8.15 1.16
CA LEU A 218 -15.54 9.33 0.37
C LEU A 218 -15.66 9.03 -1.12
N ASN A 219 -14.73 8.24 -1.69
CA ASN A 219 -14.73 7.81 -3.08
C ASN A 219 -15.97 6.97 -3.37
N TYR A 220 -16.35 6.04 -2.45
CA TYR A 220 -17.59 5.26 -2.64
C TYR A 220 -18.80 6.20 -2.71
N LYS A 221 -18.91 7.12 -1.72
CA LYS A 221 -20.01 8.06 -1.59
C LYS A 221 -20.10 9.03 -2.80
N ALA A 222 -18.94 9.49 -3.33
CA ALA A 222 -18.90 10.36 -4.51
C ALA A 222 -19.42 9.59 -5.72
N GLY A 223 -18.98 8.35 -5.87
CA GLY A 223 -19.40 7.48 -6.97
C GLY A 223 -20.87 7.15 -7.02
N ARG A 224 -21.60 7.35 -5.91
CA ARG A 224 -23.04 7.01 -5.80
C ARG A 224 -23.93 8.26 -5.63
N ASP A 225 -23.34 9.44 -5.40
CA ASP A 225 -24.06 10.70 -5.20
C ASP A 225 -25.06 10.99 -6.33
N GLU A 226 -26.37 11.09 -6.00
CA GLU A 226 -27.46 11.38 -6.96
C GLU A 226 -27.26 12.76 -7.56
N GLY A 227 -27.09 12.78 -8.89
CA GLY A 227 -26.82 14.01 -9.64
C GLY A 227 -25.34 14.34 -9.78
N CYS A 228 -24.48 13.58 -9.05
CA CYS A 228 -23.03 13.67 -9.02
C CYS A 228 -22.50 15.07 -8.65
N LYS A 229 -23.11 15.67 -7.63
CA LYS A 229 -22.78 17.00 -7.10
C LYS A 229 -21.55 17.01 -6.18
N LEU A 230 -21.40 15.99 -5.31
CA LEU A 230 -20.28 15.90 -4.36
C LEU A 230 -19.10 15.15 -4.98
N VAL A 231 -17.90 15.73 -4.90
CA VAL A 231 -16.71 15.14 -5.50
C VAL A 231 -15.52 15.15 -4.56
N THR A 232 -14.53 14.29 -4.79
CA THR A 232 -13.27 14.24 -4.04
C THR A 232 -12.27 15.05 -4.86
N ILE A 233 -11.58 16.04 -4.23
CA ILE A 233 -10.64 16.88 -4.98
C ILE A 233 -9.45 16.05 -5.51
N GLY A 234 -8.90 16.50 -6.64
CA GLY A 234 -7.84 15.80 -7.36
C GLY A 234 -8.50 14.70 -8.18
N SER A 235 -7.80 13.59 -8.42
CA SER A 235 -8.41 12.47 -9.14
C SER A 235 -8.86 11.47 -8.07
N GLY A 236 -9.56 11.99 -7.05
CA GLY A 236 -9.96 11.24 -5.86
C GLY A 236 -8.74 11.04 -4.99
N TYR A 237 -7.77 12.01 -5.08
CA TYR A 237 -6.46 12.09 -4.43
C TYR A 237 -6.46 11.74 -2.95
N ILE A 238 -5.35 11.07 -2.50
CA ILE A 238 -5.18 10.59 -1.13
C ILE A 238 -3.91 11.12 -0.42
N PHE A 239 -4.14 11.84 0.68
CA PHE A 239 -3.11 12.40 1.57
CA PHE A 239 -3.13 12.42 1.56
C PHE A 239 -2.95 11.39 2.70
N ALA A 240 -1.75 11.28 3.29
CA ALA A 240 -1.43 10.34 4.38
C ALA A 240 -1.96 8.91 4.02
N THR A 241 -1.58 8.40 2.81
CA THR A 241 -2.03 7.12 2.29
C THR A 241 -1.67 5.95 3.21
N THR A 242 -2.66 5.05 3.38
CA THR A 242 -2.56 3.86 4.23
C THR A 242 -3.57 2.84 3.70
N GLY A 243 -4.00 1.90 4.53
CA GLY A 243 -5.01 0.94 4.12
C GLY A 243 -5.78 0.41 5.29
N TYR A 244 -6.88 -0.29 4.97
CA TYR A 244 -7.65 -1.02 5.96
C TYR A 244 -6.92 -2.33 6.20
N GLY A 245 -6.89 -2.80 7.43
CA GLY A 245 -6.27 -4.06 7.79
C GLY A 245 -7.08 -4.77 8.86
N ILE A 246 -6.90 -6.10 9.01
CA ILE A 246 -7.53 -6.87 10.08
C ILE A 246 -6.66 -6.59 11.32
N ALA A 247 -7.26 -6.18 12.48
CA ALA A 247 -6.49 -6.04 13.73
C ALA A 247 -6.59 -7.36 14.46
N LEU A 248 -5.46 -7.81 15.01
CA LEU A 248 -5.29 -9.07 15.73
C LEU A 248 -4.49 -8.75 16.96
N GLN A 249 -4.55 -9.62 17.97
CA GLN A 249 -3.78 -9.41 19.22
C GLN A 249 -2.28 -9.48 18.93
N LYS A 250 -1.47 -8.71 19.66
CA LYS A 250 -0.01 -8.73 19.46
C LYS A 250 0.48 -10.16 19.64
N GLY A 251 1.28 -10.62 18.70
CA GLY A 251 1.84 -11.96 18.71
C GLY A 251 0.87 -13.05 18.30
N SER A 252 -0.30 -12.64 17.76
CA SER A 252 -1.38 -13.53 17.31
C SER A 252 -0.86 -14.66 16.41
N PRO A 253 -1.32 -15.91 16.65
CA PRO A 253 -0.91 -17.02 15.77
C PRO A 253 -1.63 -17.02 14.42
N TRP A 254 -2.68 -16.19 14.26
CA TRP A 254 -3.52 -16.10 13.05
C TRP A 254 -2.98 -15.21 11.95
N LYS A 255 -2.13 -14.24 12.31
CA LYS A 255 -1.57 -13.25 11.39
C LYS A 255 -0.95 -13.82 10.12
N ARG A 256 -0.05 -14.81 10.26
CA ARG A 256 0.68 -15.43 9.15
C ARG A 256 -0.25 -15.93 8.06
N GLN A 257 -1.20 -16.79 8.44
CA GLN A 257 -2.14 -17.37 7.49
C GLN A 257 -3.08 -16.33 6.91
N ILE A 258 -3.49 -15.31 7.71
CA ILE A 258 -4.35 -14.23 7.21
C ILE A 258 -3.61 -13.43 6.12
N ASP A 259 -2.37 -12.98 6.37
CA ASP A 259 -1.57 -12.26 5.34
C ASP A 259 -1.38 -13.08 4.04
N LEU A 260 -1.01 -14.36 4.18
CA LEU A 260 -0.78 -15.24 3.03
C LEU A 260 -2.05 -15.43 2.20
N ALA A 261 -3.20 -15.61 2.88
CA ALA A 261 -4.52 -15.70 2.25
C ALA A 261 -4.90 -14.39 1.54
N LEU A 262 -4.69 -13.21 2.19
CA LEU A 262 -4.97 -11.91 1.55
C LEU A 262 -4.11 -11.69 0.30
N LEU A 263 -2.80 -12.05 0.38
CA LEU A 263 -1.89 -11.95 -0.76
C LEU A 263 -2.29 -12.92 -1.85
N GLN A 264 -2.82 -14.10 -1.48
CA GLN A 264 -3.33 -15.05 -2.46
C GLN A 264 -4.60 -14.50 -3.14
N PHE A 265 -5.53 -13.86 -2.38
CA PHE A 265 -6.75 -13.26 -2.94
C PHE A 265 -6.42 -12.16 -3.94
N VAL A 266 -5.39 -11.33 -3.67
CA VAL A 266 -5.02 -10.29 -4.66
C VAL A 266 -4.50 -10.94 -5.95
N GLY A 267 -3.60 -11.92 -5.79
CA GLY A 267 -2.97 -12.68 -6.87
C GLY A 267 -3.96 -13.35 -7.81
N ASP A 268 -4.99 -14.02 -7.22
CA ASP A 268 -6.01 -14.76 -7.96
C ASP A 268 -7.07 -13.89 -8.65
N GLY A 269 -7.12 -12.60 -8.35
CA GLY A 269 -8.15 -11.72 -8.89
C GLY A 269 -9.43 -11.72 -8.06
N GLU A 270 -9.44 -12.40 -6.90
CA GLU A 270 -10.59 -12.45 -5.98
C GLU A 270 -10.84 -11.09 -5.34
N MET A 271 -9.78 -10.31 -5.09
CA MET A 271 -9.89 -8.97 -4.53
C MET A 271 -10.47 -8.00 -5.54
N GLU A 272 -10.04 -8.09 -6.82
CA GLU A 272 -10.57 -7.20 -7.85
C GLU A 272 -12.05 -7.47 -8.08
N GLU A 273 -12.48 -8.73 -7.93
CA GLU A 273 -13.87 -9.11 -8.09
C GLU A 273 -14.70 -8.44 -7.00
N LEU A 274 -14.24 -8.51 -5.72
CA LEU A 274 -14.93 -7.88 -4.58
C LEU A 274 -15.06 -6.38 -4.74
N GLU A 275 -14.03 -5.71 -5.31
CA GLU A 275 -14.01 -4.27 -5.58
C GLU A 275 -15.07 -3.96 -6.62
N THR A 276 -15.22 -4.85 -7.63
CA THR A 276 -16.23 -4.70 -8.69
C THR A 276 -17.62 -4.86 -8.11
N LEU A 277 -17.80 -5.85 -7.21
CA LEU A 277 -19.12 -6.12 -6.62
C LEU A 277 -19.64 -5.06 -5.69
N TRP A 278 -18.74 -4.53 -4.83
CA TRP A 278 -19.10 -3.59 -3.76
C TRP A 278 -18.72 -2.14 -3.92
N LEU A 279 -17.61 -1.81 -4.60
CA LEU A 279 -17.08 -0.45 -4.55
C LEU A 279 -17.30 0.44 -5.78
N THR A 280 -17.48 -0.13 -6.99
CA THR A 280 -17.65 0.68 -8.21
C THR A 280 -18.89 1.61 -8.15
N GLY A 281 -18.82 2.72 -8.86
CA GLY A 281 -19.90 3.72 -8.88
C GLY A 281 -20.34 4.20 -10.24
N ILE A 282 -21.43 4.97 -10.27
CA ILE A 282 -22.03 5.59 -11.47
C ILE A 282 -21.18 6.81 -11.91
N CYS A 283 -21.04 7.80 -11.02
CA CYS A 283 -20.33 9.07 -11.25
C CYS A 283 -18.88 8.86 -11.64
N MET B 3 34.85 -7.95 14.33
CA MET B 3 33.81 -7.28 15.11
C MET B 3 32.94 -6.46 14.14
N SER B 4 31.60 -6.47 14.33
CA SER B 4 30.60 -5.72 13.53
C SER B 4 29.17 -6.08 13.89
N THR B 5 28.42 -5.05 14.26
CA THR B 5 27.00 -5.12 14.59
C THR B 5 26.28 -4.33 13.47
N ARG B 6 27.05 -3.96 12.42
CA ARG B 6 26.59 -3.20 11.26
C ARG B 6 25.68 -4.08 10.41
N LEU B 7 24.50 -3.56 10.05
CA LEU B 7 23.51 -4.28 9.24
C LEU B 7 23.93 -4.33 7.80
N LYS B 8 23.88 -5.53 7.20
CA LYS B 8 24.22 -5.63 5.77
C LYS B 8 22.95 -5.35 4.96
N ILE B 9 23.01 -4.31 4.13
CA ILE B 9 21.87 -3.92 3.32
C ILE B 9 22.13 -4.30 1.88
N VAL B 10 21.16 -5.04 1.27
CA VAL B 10 21.21 -5.39 -0.13
C VAL B 10 20.19 -4.52 -0.90
N THR B 11 20.60 -4.07 -2.09
CA THR B 11 19.78 -3.28 -2.99
C THR B 11 20.09 -3.69 -4.43
N ILE B 12 19.36 -3.14 -5.37
CA ILE B 12 19.48 -3.40 -6.81
C ILE B 12 19.46 -2.04 -7.53
N HIS B 13 20.06 -1.98 -8.74
CA HIS B 13 20.04 -0.78 -9.54
C HIS B 13 18.63 -0.69 -10.16
N GLN B 14 17.85 0.32 -9.77
CA GLN B 14 16.49 0.50 -10.28
C GLN B 14 16.04 1.95 -10.09
N GLU B 15 16.26 2.77 -11.12
CA GLU B 15 15.87 4.19 -11.09
C GLU B 15 14.31 4.35 -11.10
N PRO B 16 13.73 5.33 -10.37
CA PRO B 16 14.37 6.36 -9.54
C PRO B 16 14.56 5.99 -8.08
N PHE B 17 14.40 4.71 -7.76
CA PHE B 17 14.54 4.21 -6.40
C PHE B 17 15.99 4.09 -6.01
N VAL B 18 16.84 3.56 -6.91
CA VAL B 18 18.27 3.37 -6.64
C VAL B 18 19.06 3.70 -7.91
N TYR B 19 19.84 4.77 -7.86
CA TYR B 19 20.72 5.18 -8.94
C TYR B 19 22.05 4.62 -8.50
N VAL B 20 22.83 4.09 -9.45
CA VAL B 20 24.15 3.51 -9.21
C VAL B 20 25.11 4.27 -10.12
N LYS B 21 26.14 4.88 -9.52
CA LYS B 21 27.12 5.68 -10.28
C LYS B 21 28.55 5.39 -9.83
N PRO B 22 29.57 5.64 -10.68
CA PRO B 22 30.96 5.40 -10.21
C PRO B 22 31.37 6.49 -9.22
N THR B 23 32.29 6.13 -8.30
CA THR B 23 32.82 7.07 -7.31
C THR B 23 33.74 8.02 -8.04
N LEU B 24 34.28 9.01 -7.34
CA LEU B 24 35.26 9.91 -7.94
C LEU B 24 36.58 9.17 -7.78
N SER B 25 37.61 9.55 -8.55
CA SER B 25 38.95 8.94 -8.49
C SER B 25 39.56 8.87 -7.07
N ASP B 26 39.04 9.69 -6.11
CA ASP B 26 39.50 9.67 -4.72
C ASP B 26 38.71 8.68 -3.84
N GLY B 27 37.60 8.15 -4.37
CA GLY B 27 36.76 7.16 -3.70
C GLY B 27 35.50 7.70 -3.05
N THR B 28 35.17 8.98 -3.30
CA THR B 28 34.00 9.65 -2.73
C THR B 28 32.88 9.83 -3.76
N CYS B 29 31.71 10.31 -3.31
CA CYS B 29 30.54 10.57 -4.16
C CYS B 29 30.49 12.05 -4.55
N LYS B 30 30.23 12.33 -5.84
CA LYS B 30 30.10 13.68 -6.40
C LYS B 30 28.98 14.40 -5.66
N GLU B 31 29.25 15.62 -5.17
CA GLU B 31 28.26 16.44 -4.46
C GLU B 31 27.22 16.96 -5.47
N GLU B 32 25.99 16.47 -5.37
CA GLU B 32 24.91 16.88 -6.25
C GLU B 32 23.78 17.41 -5.41
N PHE B 33 22.90 18.21 -6.02
CA PHE B 33 21.78 18.80 -5.30
C PHE B 33 20.50 18.56 -6.05
N THR B 34 19.36 18.63 -5.34
CA THR B 34 18.03 18.51 -5.91
C THR B 34 17.66 19.87 -6.56
N VAL B 35 16.46 19.96 -7.19
CA VAL B 35 15.98 21.21 -7.78
C VAL B 35 15.69 22.25 -6.67
N ASN B 36 15.29 21.74 -5.48
CA ASN B 36 14.98 22.48 -4.25
C ASN B 36 16.24 23.10 -3.59
N GLY B 37 17.44 22.76 -4.12
CA GLY B 37 18.73 23.24 -3.62
C GLY B 37 19.28 22.42 -2.47
N ASP B 38 18.55 21.36 -2.09
CA ASP B 38 18.94 20.46 -1.01
C ASP B 38 19.97 19.43 -1.51
N PRO B 39 20.96 19.05 -0.70
CA PRO B 39 21.95 18.07 -1.19
C PRO B 39 21.39 16.64 -1.29
N VAL B 40 21.70 15.96 -2.41
CA VAL B 40 21.33 14.57 -2.66
C VAL B 40 22.12 13.72 -1.67
N LYS B 41 21.44 12.97 -0.77
CA LYS B 41 22.14 12.10 0.18
C LYS B 41 22.65 10.92 -0.64
N LYS B 42 23.93 10.55 -0.48
CA LYS B 42 24.52 9.46 -1.26
C LYS B 42 25.25 8.51 -0.36
N VAL B 43 25.26 7.22 -0.70
CA VAL B 43 25.99 6.23 0.10
C VAL B 43 26.94 5.41 -0.78
N ILE B 44 28.00 4.87 -0.15
CA ILE B 44 28.95 3.98 -0.82
C ILE B 44 28.29 2.63 -0.83
N CYS B 45 28.22 2.01 -2.01
CA CYS B 45 27.65 0.67 -2.19
C CYS B 45 28.60 -0.19 -3.01
N THR B 46 29.09 -1.29 -2.43
CA THR B 46 29.98 -2.20 -3.16
C THR B 46 29.15 -3.05 -4.10
N GLY B 47 29.72 -3.47 -5.21
CA GLY B 47 29.00 -4.27 -6.18
C GLY B 47 29.86 -4.71 -7.34
N PRO B 48 29.46 -5.79 -8.06
CA PRO B 48 30.30 -6.25 -9.18
C PRO B 48 30.34 -5.31 -10.40
N ASN B 49 31.49 -5.27 -11.10
CA ASN B 49 31.64 -4.46 -12.30
C ASN B 49 31.20 -5.22 -13.55
N ASP B 50 31.59 -6.53 -13.65
CA ASP B 50 31.19 -7.40 -14.76
C ASP B 50 29.76 -7.92 -14.48
N THR B 51 28.76 -7.20 -15.03
CA THR B 51 27.34 -7.52 -14.86
C THR B 51 26.87 -8.74 -15.71
N SER B 52 27.73 -9.22 -16.65
CA SER B 52 27.49 -10.36 -17.54
C SER B 52 27.25 -11.71 -16.82
N PRO B 53 26.26 -12.54 -17.25
CA PRO B 53 26.01 -13.82 -16.53
C PRO B 53 27.05 -14.93 -16.76
N GLY B 54 27.33 -15.67 -15.68
CA GLY B 54 28.29 -16.77 -15.64
C GLY B 54 29.74 -16.33 -15.74
N SER B 55 29.99 -15.03 -15.49
CA SER B 55 31.29 -14.38 -15.56
C SER B 55 31.81 -14.07 -14.17
N PRO B 56 33.16 -13.98 -13.96
CA PRO B 56 33.67 -13.58 -12.63
C PRO B 56 33.19 -12.20 -12.20
N ARG B 57 32.81 -12.08 -10.92
CA ARG B 57 32.31 -10.87 -10.30
C ARG B 57 33.41 -10.16 -9.52
N HIS B 58 33.76 -8.91 -9.94
CA HIS B 58 34.76 -8.12 -9.22
CA HIS B 58 34.77 -8.10 -9.26
C HIS B 58 34.09 -6.95 -8.50
N THR B 59 34.01 -7.05 -7.17
CA THR B 59 33.39 -6.09 -6.26
C THR B 59 34.18 -4.78 -6.19
N VAL B 60 33.52 -3.66 -6.57
CA VAL B 60 34.09 -2.32 -6.52
C VAL B 60 33.17 -1.33 -5.77
N PRO B 61 33.72 -0.34 -5.02
CA PRO B 61 32.84 0.67 -4.39
C PRO B 61 32.20 1.57 -5.45
N GLN B 62 30.89 1.84 -5.28
CA GLN B 62 30.09 2.64 -6.20
C GLN B 62 29.24 3.60 -5.37
N CYS B 63 28.57 4.56 -6.02
CA CYS B 63 27.71 5.54 -5.35
C CYS B 63 26.25 5.22 -5.58
N CYS B 64 25.51 5.07 -4.47
CA CYS B 64 24.06 4.76 -4.44
C CYS B 64 23.23 5.90 -3.83
N TYR B 65 22.21 6.35 -4.57
CA TYR B 65 21.27 7.37 -4.11
C TYR B 65 19.86 7.13 -4.70
N GLY B 66 18.86 7.79 -4.13
CA GLY B 66 17.49 7.67 -4.63
C GLY B 66 16.47 7.53 -3.52
N PHE B 67 15.19 7.35 -3.93
CA PHE B 67 14.06 7.18 -3.03
C PHE B 67 14.37 6.15 -1.97
N CYS B 68 14.90 4.95 -2.37
CA CYS B 68 15.20 3.84 -1.47
C CYS B 68 16.38 4.10 -0.53
N ILE B 69 17.35 4.91 -0.97
CA ILE B 69 18.50 5.30 -0.16
C ILE B 69 18.07 6.29 0.95
N ASP B 70 17.23 7.28 0.60
CA ASP B 70 16.66 8.23 1.56
C ASP B 70 15.78 7.51 2.57
N LEU B 71 15.01 6.47 2.13
CA LEU B 71 14.22 5.68 3.06
C LEU B 71 15.12 4.94 4.06
N LEU B 72 16.23 4.34 3.59
CA LEU B 72 17.16 3.63 4.45
C LEU B 72 17.77 4.56 5.52
N ILE B 73 18.25 5.73 5.07
CA ILE B 73 18.84 6.77 5.91
C ILE B 73 17.81 7.20 6.99
N LYS B 74 16.54 7.48 6.59
CA LYS B 74 15.52 7.80 7.58
C LYS B 74 15.28 6.63 8.57
N LEU B 75 15.29 5.37 8.08
CA LEU B 75 15.09 4.20 8.93
C LEU B 75 16.25 4.04 9.92
N ALA B 76 17.49 4.16 9.44
CA ALA B 76 18.70 4.08 10.25
C ALA B 76 18.72 5.14 11.35
N ARG B 77 18.24 6.38 11.06
CA ARG B 77 18.17 7.47 12.03
C ARG B 77 17.05 7.25 13.05
N THR B 78 15.84 6.90 12.57
CA THR B 78 14.68 6.63 13.41
C THR B 78 14.97 5.48 14.40
N MET B 79 15.51 4.36 13.89
CA MET B 79 15.76 3.17 14.69
C MET B 79 17.14 3.08 15.31
N ASN B 80 18.10 3.92 14.87
CA ASN B 80 19.45 3.99 15.40
C ASN B 80 20.22 2.67 15.16
N PHE B 81 20.52 2.43 13.88
CA PHE B 81 21.30 1.29 13.46
C PHE B 81 22.34 1.78 12.44
N THR B 82 23.48 1.08 12.39
CA THR B 82 24.59 1.35 11.48
C THR B 82 24.43 0.34 10.37
N TYR B 83 24.95 0.66 9.17
CA TYR B 83 24.77 -0.24 8.04
C TYR B 83 25.86 -0.12 7.01
N GLU B 84 25.91 -1.11 6.10
CA GLU B 84 26.78 -1.10 4.93
C GLU B 84 25.95 -1.64 3.75
N VAL B 85 25.88 -0.86 2.67
CA VAL B 85 25.11 -1.17 1.47
C VAL B 85 25.97 -1.85 0.42
N HIS B 86 25.39 -2.89 -0.22
CA HIS B 86 26.00 -3.58 -1.36
C HIS B 86 24.91 -3.91 -2.36
N LEU B 87 25.30 -3.99 -3.63
CA LEU B 87 24.40 -4.34 -4.72
C LEU B 87 24.38 -5.85 -4.92
N VAL B 88 23.18 -6.43 -5.12
CA VAL B 88 22.98 -7.89 -5.26
C VAL B 88 23.92 -8.46 -6.34
N ALA B 89 24.81 -9.36 -5.89
CA ALA B 89 25.86 -9.99 -6.70
C ALA B 89 25.38 -10.51 -8.05
N ASP B 90 24.19 -11.14 -8.10
CA ASP B 90 23.70 -11.67 -9.37
C ASP B 90 22.77 -10.70 -10.12
N GLY B 91 22.59 -9.49 -9.55
CA GLY B 91 21.76 -8.44 -10.15
C GLY B 91 20.28 -8.72 -10.28
N LYS B 92 19.72 -9.67 -9.49
CA LYS B 92 18.30 -10.07 -9.54
C LYS B 92 17.44 -9.75 -8.30
N PHE B 93 16.12 -9.60 -8.49
CA PHE B 93 15.17 -9.37 -7.39
C PHE B 93 15.01 -10.65 -6.57
N GLY B 94 14.69 -11.76 -7.25
CA GLY B 94 14.61 -13.06 -6.60
C GLY B 94 13.35 -13.87 -6.79
N THR B 95 13.54 -15.11 -7.29
CA THR B 95 12.57 -16.18 -7.47
C THR B 95 13.12 -17.48 -6.81
N GLN B 96 12.22 -18.43 -6.54
CA GLN B 96 12.57 -19.74 -6.01
C GLN B 96 12.59 -20.64 -7.23
N GLU B 97 13.73 -21.28 -7.51
CA GLU B 97 13.84 -22.15 -8.68
C GLU B 97 14.21 -23.54 -8.27
N ARG B 98 13.80 -24.54 -9.09
CA ARG B 98 14.18 -25.94 -8.83
C ARG B 98 15.68 -26.07 -9.18
N VAL B 99 16.47 -26.67 -8.28
CA VAL B 99 17.91 -26.85 -8.48
C VAL B 99 18.23 -27.82 -9.63
N ASN B 103 15.57 -31.96 -6.80
CA ASN B 103 14.40 -31.94 -5.90
C ASN B 103 14.40 -30.71 -4.97
N LYS B 104 15.59 -30.25 -4.53
CA LYS B 104 15.76 -29.08 -3.66
C LYS B 104 15.41 -27.79 -4.41
N LYS B 105 14.87 -26.80 -3.68
CA LYS B 105 14.52 -25.51 -4.29
C LYS B 105 15.41 -24.43 -3.69
N GLU B 106 15.71 -23.38 -4.47
CA GLU B 106 16.59 -22.31 -3.98
C GLU B 106 16.13 -20.93 -4.39
N TRP B 107 16.40 -19.94 -3.51
CA TRP B 107 16.11 -18.55 -3.81
C TRP B 107 17.34 -17.90 -4.41
N ASN B 108 17.14 -17.20 -5.51
CA ASN B 108 18.17 -16.43 -6.15
C ASN B 108 17.94 -14.92 -5.76
N GLY B 109 18.63 -14.02 -6.47
CA GLY B 109 18.59 -12.58 -6.28
C GLY B 109 18.77 -12.10 -4.86
N MET B 110 18.10 -10.96 -4.53
CA MET B 110 18.15 -10.35 -3.20
C MET B 110 17.53 -11.27 -2.18
N MET B 111 16.47 -12.03 -2.58
CA MET B 111 15.80 -13.03 -1.72
C MET B 111 16.83 -14.04 -1.20
N GLY B 112 17.63 -14.59 -2.13
CA GLY B 112 18.70 -15.55 -1.86
C GLY B 112 19.71 -15.02 -0.88
N GLU B 113 20.17 -13.77 -1.10
CA GLU B 113 21.12 -13.10 -0.20
C GLU B 113 20.58 -12.89 1.21
N LEU B 114 19.31 -12.48 1.33
CA LEU B 114 18.71 -12.29 2.64
C LEU B 114 18.57 -13.63 3.37
N LEU B 115 18.12 -14.69 2.68
CA LEU B 115 17.99 -16.02 3.30
C LEU B 115 19.34 -16.70 3.60
N SER B 116 20.41 -16.40 2.82
CA SER B 116 21.74 -16.98 3.10
C SER B 116 22.48 -16.28 4.26
N GLY B 117 22.09 -15.05 4.59
CA GLY B 117 22.76 -14.30 5.63
C GLY B 117 23.79 -13.32 5.07
N GLN B 118 23.93 -13.26 3.73
CA GLN B 118 24.78 -12.32 2.98
C GLN B 118 24.23 -10.86 3.13
N ALA B 119 22.91 -10.75 3.46
CA ALA B 119 22.17 -9.52 3.73
C ALA B 119 21.35 -9.70 5.00
N ASP B 120 21.07 -8.61 5.69
CA ASP B 120 20.24 -8.58 6.89
C ASP B 120 18.92 -7.85 6.60
N MET B 121 18.91 -7.08 5.50
CA MET B 121 17.75 -6.30 5.10
C MET B 121 17.80 -6.00 3.60
N ILE B 122 16.63 -6.12 2.90
CA ILE B 122 16.48 -5.75 1.48
C ILE B 122 15.81 -4.37 1.45
N VAL B 123 16.50 -3.35 0.91
CA VAL B 123 15.93 -1.99 0.81
C VAL B 123 15.97 -1.69 -0.66
N ALA B 124 14.82 -1.88 -1.35
CA ALA B 124 14.72 -1.77 -2.82
C ALA B 124 13.27 -1.73 -3.22
N PRO B 125 12.91 -1.47 -4.51
CA PRO B 125 11.48 -1.60 -4.90
C PRO B 125 11.12 -3.11 -5.05
N LEU B 126 11.07 -3.81 -3.92
CA LEU B 126 10.81 -5.24 -3.82
C LEU B 126 9.33 -5.55 -3.59
N THR B 127 8.71 -6.21 -4.57
CA THR B 127 7.29 -6.57 -4.56
C THR B 127 6.95 -7.55 -3.46
N ILE B 128 5.88 -7.23 -2.77
CA ILE B 128 5.34 -8.06 -1.70
C ILE B 128 4.39 -9.06 -2.39
N ASN B 129 4.73 -10.34 -2.37
CA ASN B 129 3.85 -11.38 -2.93
C ASN B 129 3.82 -12.56 -2.01
N ASN B 130 2.89 -13.49 -2.27
CA ASN B 130 2.66 -14.68 -1.46
C ASN B 130 3.93 -15.59 -1.32
N GLU B 131 4.55 -15.93 -2.46
CA GLU B 131 5.73 -16.81 -2.59
C GLU B 131 6.86 -16.36 -1.67
N ARG B 132 7.24 -15.08 -1.75
CA ARG B 132 8.28 -14.51 -0.89
C ARG B 132 7.88 -14.44 0.59
N ALA B 133 6.63 -13.99 0.88
CA ALA B 133 6.09 -13.86 2.24
C ALA B 133 6.05 -15.20 3.03
N GLN B 134 6.06 -16.34 2.32
CA GLN B 134 6.15 -17.68 2.92
C GLN B 134 7.52 -17.86 3.62
N TYR B 135 8.58 -17.13 3.16
CA TYR B 135 9.96 -17.25 3.66
C TYR B 135 10.53 -16.05 4.38
N ILE B 136 10.07 -14.83 4.07
CA ILE B 136 10.61 -13.63 4.74
C ILE B 136 9.51 -12.71 5.27
N GLU B 137 9.89 -11.87 6.24
CA GLU B 137 9.03 -10.84 6.76
C GLU B 137 9.16 -9.61 5.86
N PHE B 138 8.02 -9.09 5.43
CA PHE B 138 7.94 -7.83 4.68
C PHE B 138 7.41 -6.80 5.62
N SER B 139 7.92 -5.58 5.50
CA SER B 139 7.37 -4.46 6.28
C SER B 139 6.00 -4.13 5.67
N LYS B 140 5.27 -3.17 6.29
CA LYS B 140 4.03 -2.62 5.76
C LYS B 140 4.49 -1.91 4.48
N PRO B 141 3.71 -1.89 3.38
CA PRO B 141 4.23 -1.27 2.14
C PRO B 141 4.66 0.17 2.24
N PHE B 142 5.76 0.57 1.56
CA PHE B 142 6.18 1.98 1.53
C PHE B 142 5.65 2.64 0.26
N LYS B 143 5.07 1.83 -0.66
CA LYS B 143 4.53 2.27 -1.94
C LYS B 143 3.54 1.23 -2.46
N TYR B 144 2.44 1.69 -3.07
CA TYR B 144 1.42 0.85 -3.67
C TYR B 144 1.31 1.24 -5.12
N GLN B 145 1.55 0.29 -6.01
CA GLN B 145 1.55 0.54 -7.45
C GLN B 145 1.07 -0.70 -8.22
N GLY B 146 1.33 -0.79 -9.50
CA GLY B 146 0.92 -1.92 -10.30
C GLY B 146 1.81 -2.18 -11.49
N LEU B 147 1.33 -3.00 -12.43
CA LEU B 147 2.07 -3.31 -13.64
C LEU B 147 1.52 -2.52 -14.80
N THR B 148 2.40 -2.02 -15.67
CA THR B 148 1.99 -1.31 -16.88
C THR B 148 2.90 -1.76 -18.05
N ILE B 149 2.63 -1.25 -19.27
CA ILE B 149 3.38 -1.63 -20.46
C ILE B 149 4.13 -0.43 -21.09
N LEU B 150 5.42 -0.58 -21.27
CA LEU B 150 6.26 0.40 -21.93
C LEU B 150 6.43 -0.01 -23.42
N VAL B 151 6.17 0.93 -24.33
CA VAL B 151 6.29 0.78 -25.79
C VAL B 151 6.95 2.04 -26.36
N LYS B 152 7.45 1.95 -27.62
CA LYS B 152 7.99 3.11 -28.35
C LYS B 152 6.76 3.92 -28.77
N LYS B 153 6.84 5.25 -28.75
CA LYS B 153 5.72 6.13 -29.12
C LYS B 153 5.08 5.75 -30.48
N GLY B 154 3.75 5.75 -30.53
CA GLY B 154 3.01 5.41 -31.74
C GLY B 154 2.48 3.99 -31.82
N THR B 155 2.99 3.08 -30.95
CA THR B 155 2.54 1.68 -30.92
C THR B 155 1.18 1.63 -30.22
N ARG B 156 0.14 1.20 -30.95
CA ARG B 156 -1.23 1.16 -30.42
C ARG B 156 -1.57 -0.18 -29.72
N ILE B 157 -1.63 -0.14 -28.37
CA ILE B 157 -1.94 -1.27 -27.50
C ILE B 157 -2.97 -0.83 -26.46
N THR B 158 -4.08 -1.58 -26.33
CA THR B 158 -5.13 -1.29 -25.34
C THR B 158 -4.66 -1.57 -23.91
N GLY B 159 -3.79 -2.57 -23.77
CA GLY B 159 -3.24 -3.01 -22.50
C GLY B 159 -2.90 -4.48 -22.51
N ILE B 160 -3.09 -5.15 -21.34
CA ILE B 160 -2.83 -6.58 -21.16
C ILE B 160 -3.83 -7.45 -21.96
N ASN B 161 -5.03 -6.89 -22.23
CA ASN B 161 -6.10 -7.55 -22.96
C ASN B 161 -6.11 -7.19 -24.46
N ASP B 162 -4.94 -6.81 -24.99
CA ASP B 162 -4.73 -6.48 -26.41
C ASP B 162 -4.47 -7.79 -27.17
N PRO B 163 -5.07 -7.99 -28.38
CA PRO B 163 -4.85 -9.25 -29.11
C PRO B 163 -3.38 -9.62 -29.36
N ARG B 164 -2.52 -8.60 -29.60
CA ARG B 164 -1.08 -8.78 -29.82
C ARG B 164 -0.35 -9.38 -28.60
N LEU B 165 -1.06 -9.48 -27.45
CA LEU B 165 -0.52 -10.03 -26.22
C LEU B 165 -1.16 -11.38 -25.89
N ARG B 166 -2.51 -11.45 -25.86
CA ARG B 166 -3.26 -12.68 -25.54
C ARG B 166 -3.14 -13.76 -26.64
N ASN B 167 -2.88 -13.36 -27.89
CA ASN B 167 -2.63 -14.24 -29.04
C ASN B 167 -1.20 -13.95 -29.54
N PRO B 168 -0.18 -14.56 -28.89
CA PRO B 168 1.22 -14.23 -29.25
C PRO B 168 1.69 -14.70 -30.63
N SER B 169 2.55 -13.87 -31.24
CA SER B 169 3.17 -14.09 -32.54
C SER B 169 4.67 -13.84 -32.44
N ASP B 170 5.47 -14.47 -33.34
CA ASP B 170 6.92 -14.27 -33.41
C ASP B 170 7.25 -12.87 -33.99
N LYS B 171 6.21 -12.16 -34.48
CA LYS B 171 6.30 -10.81 -35.02
C LYS B 171 6.40 -9.80 -33.87
N PHE B 172 5.35 -9.69 -33.03
CA PHE B 172 5.30 -8.76 -31.88
C PHE B 172 5.91 -9.41 -30.63
N ILE B 173 7.11 -8.95 -30.26
CA ILE B 173 7.87 -9.48 -29.12
C ILE B 173 7.74 -8.60 -27.87
N TYR B 174 7.24 -9.21 -26.78
CA TYR B 174 7.08 -8.58 -25.48
C TYR B 174 7.83 -9.36 -24.39
N ALA B 175 8.23 -8.67 -23.31
CA ALA B 175 8.99 -9.33 -22.24
C ALA B 175 8.96 -8.57 -20.92
N THR B 176 9.57 -9.20 -19.91
CA THR B 176 9.78 -8.69 -18.56
C THR B 176 11.22 -9.02 -18.13
N VAL B 177 11.49 -8.93 -16.84
CA VAL B 177 12.81 -9.20 -16.27
C VAL B 177 12.78 -10.60 -15.70
N LYS B 178 13.86 -11.35 -15.92
CA LYS B 178 14.10 -12.68 -15.42
C LYS B 178 14.26 -12.60 -13.91
N GLN B 179 13.80 -13.64 -13.21
CA GLN B 179 13.90 -13.84 -11.75
C GLN B 179 13.38 -12.62 -10.93
N SER B 180 12.24 -12.10 -11.39
CA SER B 180 11.54 -10.97 -10.82
C SER B 180 10.11 -11.40 -10.46
N SER B 181 9.40 -10.58 -9.67
CA SER B 181 8.01 -10.82 -9.25
C SER B 181 7.03 -10.87 -10.43
N VAL B 182 7.26 -10.09 -11.50
CA VAL B 182 6.41 -10.10 -12.70
C VAL B 182 6.47 -11.51 -13.34
N ASP B 183 7.71 -12.07 -13.41
CA ASP B 183 8.03 -13.38 -13.92
C ASP B 183 7.25 -14.44 -13.12
N ILE B 184 7.27 -14.33 -11.76
CA ILE B 184 6.58 -15.21 -10.81
C ILE B 184 5.09 -15.23 -11.13
N TYR B 185 4.50 -14.01 -11.25
CA TYR B 185 3.08 -13.76 -11.53
C TYR B 185 2.64 -14.43 -12.82
N PHE B 186 3.37 -14.20 -13.93
CA PHE B 186 3.02 -14.79 -15.23
C PHE B 186 3.16 -16.32 -15.23
N ARG B 187 4.09 -16.86 -14.42
CA ARG B 187 4.34 -18.30 -14.27
C ARG B 187 3.30 -19.03 -13.40
N ARG B 188 2.77 -18.38 -12.34
CA ARG B 188 1.80 -18.97 -11.42
C ARG B 188 0.37 -18.90 -11.95
N GLN B 189 -0.01 -17.77 -12.55
CA GLN B 189 -1.36 -17.56 -13.07
C GLN B 189 -1.62 -18.39 -14.33
N VAL B 190 -2.59 -19.32 -14.22
CA VAL B 190 -3.01 -20.25 -15.29
C VAL B 190 -3.56 -19.49 -16.51
N GLU B 191 -4.28 -18.39 -16.27
CA GLU B 191 -4.85 -17.51 -17.32
C GLU B 191 -3.76 -16.86 -18.22
N LEU B 192 -2.53 -16.73 -17.71
CA LEU B 192 -1.43 -16.08 -18.43
C LEU B 192 -0.38 -17.08 -18.94
N SER B 193 -0.74 -18.36 -19.03
CA SER B 193 0.15 -19.43 -19.48
C SER B 193 0.63 -19.25 -20.91
N THR B 194 -0.26 -18.83 -21.82
CA THR B 194 0.10 -18.60 -23.22
C THR B 194 1.05 -17.38 -23.33
N MET B 195 0.83 -16.36 -22.49
CA MET B 195 1.63 -15.14 -22.41
C MET B 195 3.02 -15.43 -21.82
N TYR B 196 3.09 -16.28 -20.77
CA TYR B 196 4.35 -16.64 -20.15
C TYR B 196 5.29 -17.44 -21.08
N ARG B 197 4.73 -18.35 -21.91
CA ARG B 197 5.50 -19.18 -22.85
C ARG B 197 6.18 -18.34 -23.93
N HIS B 198 5.54 -17.23 -24.34
CA HIS B 198 6.12 -16.27 -25.29
C HIS B 198 7.26 -15.52 -24.57
N MET B 199 6.96 -14.97 -23.36
CA MET B 199 7.86 -14.18 -22.51
C MET B 199 9.15 -14.87 -22.12
N GLU B 200 9.08 -16.14 -21.61
CA GLU B 200 10.26 -16.91 -21.16
C GLU B 200 11.43 -16.95 -22.16
N LYS B 201 11.14 -16.72 -23.46
CA LYS B 201 12.13 -16.72 -24.54
C LYS B 201 12.80 -15.35 -24.73
N HIS B 202 12.12 -14.27 -24.29
CA HIS B 202 12.60 -12.90 -24.51
C HIS B 202 12.87 -12.06 -23.25
N ASN B 203 12.69 -12.62 -22.04
CA ASN B 203 12.92 -11.92 -20.77
C ASN B 203 14.36 -11.43 -20.60
N TYR B 204 14.53 -10.20 -20.07
CA TYR B 204 15.85 -9.57 -19.91
C TYR B 204 16.51 -9.78 -18.55
N GLU B 205 17.86 -9.64 -18.52
CA GLU B 205 18.65 -9.77 -17.29
C GLU B 205 18.34 -8.62 -16.33
N SER B 206 17.93 -7.45 -16.86
CA SER B 206 17.60 -6.27 -16.05
C SER B 206 16.59 -5.37 -16.74
N ALA B 207 15.91 -4.49 -15.97
CA ALA B 207 14.96 -3.51 -16.52
C ALA B 207 15.68 -2.48 -17.41
N ALA B 208 16.92 -2.09 -17.05
CA ALA B 208 17.73 -1.16 -17.85
C ALA B 208 18.01 -1.75 -19.24
N GLU B 209 18.34 -3.07 -19.34
CA GLU B 209 18.56 -3.76 -20.62
C GLU B 209 17.26 -3.79 -21.45
N ALA B 210 16.13 -4.10 -20.80
CA ALA B 210 14.81 -4.14 -21.44
C ALA B 210 14.36 -2.77 -21.96
N ILE B 211 14.47 -1.71 -21.14
CA ILE B 211 14.10 -0.34 -21.51
C ILE B 211 14.93 0.14 -22.73
N GLN B 212 16.25 -0.18 -22.73
CA GLN B 212 17.13 0.12 -23.84
C GLN B 212 16.67 -0.62 -25.14
N ALA B 213 16.27 -1.89 -25.00
CA ALA B 213 15.82 -2.73 -26.11
C ALA B 213 14.51 -2.25 -26.75
N VAL B 214 13.67 -1.51 -26.00
CA VAL B 214 12.43 -0.92 -26.52
C VAL B 214 12.85 0.30 -27.35
N ARG B 215 13.87 1.04 -26.87
CA ARG B 215 14.44 2.22 -27.53
C ARG B 215 15.09 1.84 -28.85
N ASP B 216 15.74 0.66 -28.90
CA ASP B 216 16.44 0.13 -30.07
C ASP B 216 15.58 -0.74 -31.00
N ASN B 217 14.21 -0.62 -30.88
CA ASN B 217 13.19 -1.36 -31.65
CA ASN B 217 13.19 -1.36 -31.65
C ASN B 217 13.33 -2.91 -31.58
N LYS B 218 14.26 -3.41 -30.72
CA LYS B 218 14.56 -4.83 -30.49
C LYS B 218 13.46 -5.58 -29.71
N LEU B 219 12.77 -4.87 -28.78
CA LEU B 219 11.66 -5.35 -27.96
C LEU B 219 10.51 -4.37 -28.18
N HIS B 220 9.31 -4.89 -28.40
CA HIS B 220 8.15 -4.05 -28.72
C HIS B 220 7.35 -3.58 -27.51
N ALA B 221 7.18 -4.45 -26.50
CA ALA B 221 6.46 -4.12 -25.28
C ALA B 221 7.16 -4.67 -24.02
N PHE B 222 7.43 -3.78 -23.05
CA PHE B 222 8.05 -4.17 -21.78
C PHE B 222 7.01 -4.10 -20.68
N ILE B 223 6.70 -5.25 -20.02
CA ILE B 223 5.74 -5.35 -18.91
C ILE B 223 6.53 -5.25 -17.59
N TRP B 224 6.30 -4.16 -16.84
CA TRP B 224 7.06 -3.89 -15.61
C TRP B 224 6.32 -3.00 -14.60
N ASP B 225 6.96 -2.75 -13.45
CA ASP B 225 6.45 -1.89 -12.36
C ASP B 225 6.15 -0.48 -12.89
N SER B 226 4.92 -0.02 -12.66
CA SER B 226 4.45 1.30 -13.12
C SER B 226 5.21 2.45 -12.48
N ALA B 227 5.66 2.27 -11.19
CA ALA B 227 6.43 3.30 -10.49
C ALA B 227 7.73 3.59 -11.28
N VAL B 228 8.33 2.54 -11.89
CA VAL B 228 9.54 2.58 -12.72
C VAL B 228 9.19 3.00 -14.18
N LEU B 229 8.19 2.36 -14.81
CA LEU B 229 7.78 2.66 -16.20
C LEU B 229 7.30 4.09 -16.41
N GLU B 230 6.36 4.58 -15.56
CA GLU B 230 5.82 5.95 -15.63
C GLU B 230 6.92 6.99 -15.46
N PHE B 231 7.95 6.69 -14.65
CA PHE B 231 9.09 7.59 -14.46
C PHE B 231 9.90 7.62 -15.74
N GLU B 232 10.25 6.42 -16.26
CA GLU B 232 11.05 6.24 -17.47
C GLU B 232 10.49 6.94 -18.71
N ALA B 233 9.15 6.89 -18.88
CA ALA B 233 8.41 7.49 -20.00
C ALA B 233 8.35 9.01 -19.86
N SER B 234 8.45 9.51 -18.60
CA SER B 234 8.42 10.94 -18.29
C SER B 234 9.76 11.59 -18.56
N GLN B 235 10.83 10.78 -18.64
CA GLN B 235 12.21 11.24 -18.88
C GLN B 235 12.63 11.00 -20.33
N LYS B 236 12.25 9.85 -20.90
CA LYS B 236 12.53 9.45 -22.28
C LYS B 236 11.22 9.58 -23.02
N CYS B 237 10.95 10.78 -23.55
CA CYS B 237 9.70 11.11 -24.24
C CYS B 237 9.50 10.33 -25.58
N ASP B 238 10.50 9.51 -25.99
CA ASP B 238 10.41 8.63 -27.15
C ASP B 238 9.65 7.34 -26.77
N LEU B 239 9.61 7.03 -25.45
CA LEU B 239 8.92 5.88 -24.86
C LEU B 239 7.63 6.33 -24.16
N VAL B 240 6.58 5.51 -24.25
CA VAL B 240 5.26 5.80 -23.68
C VAL B 240 4.71 4.57 -22.94
N THR B 241 3.98 4.79 -21.84
CA THR B 241 3.30 3.69 -21.15
C THR B 241 1.90 3.64 -21.70
N THR B 242 1.34 2.44 -21.87
CA THR B 242 0.00 2.29 -22.44
C THR B 242 -0.92 1.41 -21.60
N GLY B 243 -2.20 1.69 -21.69
CA GLY B 243 -3.22 0.96 -20.95
C GLY B 243 -3.28 1.34 -19.49
N GLU B 244 -4.15 0.65 -18.75
CA GLU B 244 -4.37 0.86 -17.32
C GLU B 244 -3.53 -0.14 -16.54
N LEU B 245 -3.43 0.02 -15.20
CA LEU B 245 -2.67 -0.87 -14.33
C LEU B 245 -3.45 -2.13 -14.08
N PHE B 246 -2.72 -3.25 -14.01
CA PHE B 246 -3.17 -4.60 -13.67
C PHE B 246 -2.27 -5.08 -12.49
N PHE B 247 -2.46 -6.33 -11.99
CA PHE B 247 -1.76 -6.88 -10.80
C PHE B 247 -1.14 -5.77 -9.89
N ARG B 248 -2.02 -4.99 -9.26
CA ARG B 248 -1.61 -3.95 -8.32
C ARG B 248 -0.92 -4.65 -7.16
N SER B 249 0.21 -4.11 -6.74
CA SER B 249 0.97 -4.68 -5.60
C SER B 249 1.77 -3.59 -4.89
N GLY B 250 2.26 -3.94 -3.70
CA GLY B 250 3.06 -3.03 -2.92
C GLY B 250 4.53 -3.38 -2.89
N PHE B 251 5.37 -2.36 -2.59
CA PHE B 251 6.81 -2.52 -2.35
C PHE B 251 7.01 -2.46 -0.85
N GLY B 252 7.90 -3.29 -0.33
CA GLY B 252 8.23 -3.31 1.09
C GLY B 252 9.67 -3.69 1.38
N ILE B 253 10.14 -3.38 2.60
CA ILE B 253 11.46 -3.71 3.14
C ILE B 253 11.38 -5.21 3.49
N GLY B 254 12.40 -5.97 3.09
CA GLY B 254 12.51 -7.40 3.35
C GLY B 254 13.48 -7.70 4.46
N MET B 255 13.10 -8.59 5.37
CA MET B 255 13.92 -9.05 6.49
C MET B 255 13.64 -10.53 6.68
N ARG B 256 14.55 -11.25 7.39
CA ARG B 256 14.36 -12.66 7.77
C ARG B 256 13.30 -12.65 8.86
N LYS B 257 12.53 -13.74 8.96
CA LYS B 257 11.44 -13.91 9.94
C LYS B 257 11.88 -13.68 11.41
N ASP B 258 13.14 -14.01 11.76
CA ASP B 258 13.67 -13.87 13.12
C ASP B 258 14.19 -12.46 13.46
N SER B 259 14.20 -11.54 12.48
CA SER B 259 14.72 -10.18 12.68
C SER B 259 14.10 -9.45 13.90
N PRO B 260 14.94 -8.77 14.74
CA PRO B 260 14.38 -8.03 15.88
C PRO B 260 13.93 -6.60 15.52
N TRP B 261 14.09 -6.20 14.24
CA TRP B 261 13.79 -4.85 13.74
C TRP B 261 12.42 -4.72 13.04
N LYS B 262 11.79 -5.86 12.68
CA LYS B 262 10.55 -5.90 11.90
C LYS B 262 9.45 -5.00 12.42
N GLN B 263 9.18 -5.01 13.74
CA GLN B 263 8.15 -4.16 14.33
C GLN B 263 8.46 -2.67 14.14
N ASN B 264 9.71 -2.26 14.40
CA ASN B 264 10.11 -0.86 14.29
C ASN B 264 10.27 -0.40 12.85
N VAL B 265 10.63 -1.30 11.92
CA VAL B 265 10.69 -0.96 10.47
C VAL B 265 9.26 -0.55 10.00
N SER B 266 8.24 -1.41 10.25
CA SER B 266 6.84 -1.09 9.91
C SER B 266 6.30 0.20 10.61
N LEU B 267 6.59 0.37 11.93
CA LEU B 267 6.17 1.58 12.67
C LEU B 267 6.73 2.85 12.02
N SER B 268 8.04 2.80 11.63
CA SER B 268 8.73 3.89 10.94
CA SER B 268 8.73 3.90 10.95
C SER B 268 8.13 4.16 9.57
N ILE B 269 7.67 3.10 8.87
CA ILE B 269 7.07 3.28 7.55
C ILE B 269 5.68 3.94 7.70
N LEU B 270 4.92 3.57 8.77
CA LEU B 270 3.59 4.18 9.01
C LEU B 270 3.70 5.63 9.38
N LYS B 271 4.63 5.97 10.29
CA LYS B 271 4.91 7.34 10.71
C LYS B 271 5.24 8.20 9.49
N SER B 272 6.11 7.67 8.59
CA SER B 272 6.54 8.33 7.34
C SER B 272 5.42 8.57 6.34
N HIS B 273 4.43 7.66 6.31
CA HIS B 273 3.24 7.83 5.47
C HIS B 273 2.36 8.96 6.08
N GLU B 274 2.19 8.96 7.41
CA GLU B 274 1.33 9.91 8.14
C GLU B 274 1.86 11.32 8.26
N ASN B 275 3.18 11.50 8.31
CA ASN B 275 3.77 12.82 8.47
C ASN B 275 4.18 13.52 7.17
N GLY B 276 3.88 12.89 6.02
CA GLY B 276 4.23 13.43 4.71
C GLY B 276 5.62 13.11 4.15
N PHE B 277 6.51 12.47 4.96
CA PHE B 277 7.85 12.11 4.49
C PHE B 277 7.86 11.28 3.22
N MET B 278 6.99 10.25 3.18
CA MET B 278 6.87 9.33 2.05
C MET B 278 6.43 10.09 0.78
N GLU B 279 5.46 11.01 0.91
CA GLU B 279 4.95 11.88 -0.17
C GLU B 279 6.05 12.86 -0.61
N ASP B 280 6.92 13.27 0.32
CA ASP B 280 8.04 14.13 -0.01
C ASP B 280 9.08 13.35 -0.83
N LEU B 281 9.29 12.06 -0.52
CA LEU B 281 10.22 11.23 -1.29
C LEU B 281 9.68 11.03 -2.70
N ASP B 282 8.37 10.84 -2.82
CA ASP B 282 7.66 10.68 -4.07
C ASP B 282 7.82 11.91 -4.97
N LYS B 283 7.69 13.10 -4.38
CA LYS B 283 7.85 14.38 -5.06
C LYS B 283 9.29 14.64 -5.53
N THR B 284 10.29 14.34 -4.68
CA THR B 284 11.72 14.53 -4.94
C THR B 284 12.25 13.59 -6.05
N TRP B 285 11.75 12.32 -6.09
CA TRP B 285 12.26 11.27 -6.95
C TRP B 285 11.37 10.72 -8.02
N VAL B 286 10.09 10.50 -7.74
CA VAL B 286 9.17 9.81 -8.66
C VAL B 286 8.35 10.78 -9.53
N ARG B 287 7.84 11.87 -8.94
CA ARG B 287 6.99 12.84 -9.62
C ARG B 287 7.79 13.90 -10.42
N TYR B 288 7.91 13.64 -11.73
CA TYR B 288 8.57 14.50 -12.72
C TYR B 288 7.56 14.76 -13.84
N GLN B 289 7.54 15.98 -14.38
CA GLN B 289 6.59 16.38 -15.43
C GLN B 289 6.87 15.70 -16.77
#